data_6ZJ5
#
_entry.id   6ZJ5
#
_cell.length_a   128.549
_cell.length_b   128.549
_cell.length_c   48.264
_cell.angle_alpha   90.000
_cell.angle_beta   90.000
_cell.angle_gamma   120.000
#
_symmetry.space_group_name_H-M   'P 62'
#
loop_
_entity.id
_entity.type
_entity.pdbx_description
1 polymer 'Glycoprotein endo-alpha-1,2-mannosidase'
2 non-polymer '4-(2-HYDROXYETHYL)-1-PIPERAZINE ETHANESULFONIC ACID'
3 non-polymer 'MAGNESIUM ION'
4 non-polymer 6-tungstotellurate(VI)
5 non-polymer 1-DEOXYMANNOJIRIMYCIN
6 non-polymer alpha-D-glucopyranose
7 water water
#
_entity_poly.entity_id   1
_entity_poly.type   'polypeptide(L)'
_entity_poly.pdbx_seq_one_letter_code
;MNHKVHHHHHHIEGRHMPLNNYLHVFYYSWYGNPQFDGKYIHWNHPVLEHWDPRIAKNYPQGRHNPPDDIGSSFYPELGS
YSSRDPSVIETHMRQMRSASIGVLALSWYPPDVNDENGEPTDNLVPTILDKAHKYNLKVTFHIEPYSNRDDQNMYKNVKY
IIDKYGNHPAFYRYKTKTGNALPMFYVYDSYITKPEKWANLLTTSGSRSIRNSPYDGLFIALLVEEKHKYDILQSGFDGI
YTYFATNGFTYGSSHQNWASLKLFCDKYNLIFIPSVGPGYIDTSIRPWNTQNTRNRINGKYYEIGLSAALQTRPSLISIT
SFNEWHEGTQIEKAVPKRTSNTVYLDYRPHKPGLYLELTRKWSEKYSKERATYALDRQLPVS
;
_entity_poly.pdbx_strand_id   AAA
#
# COMPACT_ATOMS: atom_id res chain seq x y z
N LEU A 19 11.31 0.36 16.45
CA LEU A 19 11.00 0.59 15.00
C LEU A 19 10.87 -0.76 14.29
N ASN A 20 9.64 -1.14 13.93
CA ASN A 20 9.30 -2.51 13.45
C ASN A 20 9.52 -2.59 11.93
N ASN A 21 10.42 -3.47 11.47
CA ASN A 21 10.79 -3.58 10.01
C ASN A 21 10.05 -4.76 9.36
N TYR A 22 9.15 -5.41 10.09
CA TYR A 22 8.23 -6.47 9.58
C TYR A 22 6.81 -5.89 9.42
N LEU A 23 6.71 -4.55 9.29
CA LEU A 23 5.43 -3.80 9.20
C LEU A 23 5.54 -2.77 8.08
N HIS A 24 4.71 -2.94 7.06
CA HIS A 24 4.76 -2.23 5.77
C HIS A 24 3.50 -1.39 5.66
N VAL A 25 3.60 -0.21 5.04
CA VAL A 25 2.44 0.71 4.87
C VAL A 25 2.50 1.31 3.47
N PHE A 26 1.39 1.23 2.73
CA PHE A 26 1.28 1.68 1.31
C PHE A 26 1.21 3.20 1.26
N TYR A 27 2.24 3.80 0.66
CA TYR A 27 2.47 5.26 0.67
C TYR A 27 2.38 5.79 -0.76
N TYR A 28 1.66 6.90 -0.94
CA TYR A 28 1.40 7.54 -2.25
C TYR A 28 2.14 8.88 -2.27
N SER A 29 2.75 9.20 -3.41
CA SER A 29 3.55 10.42 -3.67
C SER A 29 2.96 11.25 -4.84
N TRP A 30 1.66 11.09 -5.15
CA TRP A 30 1.03 11.60 -6.40
C TRP A 30 0.24 12.91 -6.16
N TYR A 31 0.23 13.41 -4.92
CA TYR A 31 -0.45 14.65 -4.48
C TYR A 31 0.39 15.87 -4.92
N GLY A 32 -0.30 16.91 -5.38
CA GLY A 32 0.31 18.16 -5.87
C GLY A 32 -0.58 19.35 -5.52
N ASN A 33 0.02 20.54 -5.47
CA ASN A 33 -0.68 21.82 -5.23
C ASN A 33 0.04 22.90 -6.03
N PRO A 34 -0.60 24.07 -6.27
CA PRO A 34 0.02 25.15 -7.04
C PRO A 34 1.39 25.61 -6.48
N GLN A 35 1.50 25.73 -5.16
CA GLN A 35 2.70 26.27 -4.46
C GLN A 35 3.95 25.53 -4.99
N PHE A 36 3.95 24.19 -4.98
CA PHE A 36 5.14 23.35 -5.24
C PHE A 36 5.13 22.76 -6.64
N ASP A 37 3.98 22.28 -7.09
CA ASP A 37 3.85 21.61 -8.42
C ASP A 37 3.34 22.63 -9.45
N GLY A 38 2.89 23.81 -9.03
CA GLY A 38 2.35 24.86 -9.93
C GLY A 38 0.93 24.56 -10.44
N LYS A 39 0.26 23.58 -9.83
CA LYS A 39 -1.10 23.08 -10.19
C LYS A 39 -1.53 22.12 -9.08
N TYR A 40 -2.84 21.87 -8.92
CA TYR A 40 -3.36 20.80 -8.02
C TYR A 40 -3.27 19.46 -8.75
N ILE A 41 -2.87 18.42 -8.01
CA ILE A 41 -2.87 17.01 -8.51
C ILE A 41 -3.55 16.14 -7.45
N HIS A 42 -4.41 15.22 -7.88
CA HIS A 42 -5.07 14.13 -7.09
C HIS A 42 -6.11 14.68 -6.10
N TRP A 43 -5.87 15.83 -5.48
CA TRP A 43 -6.88 16.47 -4.57
C TRP A 43 -8.06 16.95 -5.42
N ASN A 44 -7.73 17.48 -6.61
CA ASN A 44 -8.67 18.01 -7.63
C ASN A 44 -9.16 16.83 -8.47
N HIS A 45 -9.51 15.73 -7.81
CA HIS A 45 -9.79 14.41 -8.42
C HIS A 45 -11.14 14.46 -9.13
N PRO A 46 -11.27 13.86 -10.32
CA PRO A 46 -12.58 13.70 -10.95
C PRO A 46 -13.46 12.71 -10.18
N VAL A 47 -14.77 12.91 -10.26
CA VAL A 47 -15.79 11.91 -9.83
C VAL A 47 -15.87 10.87 -10.93
N LEU A 48 -15.43 9.64 -10.64
CA LEU A 48 -15.33 8.58 -11.66
C LEU A 48 -16.73 8.10 -12.04
N GLU A 49 -17.03 8.07 -13.33
CA GLU A 49 -18.40 7.83 -13.87
C GLU A 49 -18.67 6.33 -13.82
N HIS A 50 -19.87 5.93 -13.39
CA HIS A 50 -20.39 4.55 -13.53
C HIS A 50 -20.50 4.20 -15.04
N TRP A 51 -19.95 3.05 -15.46
CA TRP A 51 -20.00 2.56 -16.86
C TRP A 51 -21.42 2.76 -17.43
N ASP A 52 -22.45 2.47 -16.63
CA ASP A 52 -23.88 2.72 -16.98
C ASP A 52 -24.18 4.19 -16.71
N PRO A 53 -24.33 5.06 -17.75
CA PRO A 53 -24.58 6.49 -17.54
C PRO A 53 -25.97 6.83 -16.97
N ARG A 54 -26.94 5.90 -17.09
CA ARG A 54 -28.33 6.04 -16.54
C ARG A 54 -28.30 6.03 -15.01
N ILE A 55 -27.11 5.90 -14.40
CA ILE A 55 -26.88 6.03 -12.93
C ILE A 55 -25.90 7.20 -12.66
N ALA A 56 -24.83 7.30 -13.46
CA ALA A 56 -23.80 8.35 -13.39
C ALA A 56 -24.46 9.73 -13.25
N LYS A 57 -25.58 9.95 -13.94
CA LYS A 57 -26.28 11.26 -13.98
C LYS A 57 -27.05 11.52 -12.67
N ASN A 58 -27.20 10.55 -11.76
CA ASN A 58 -27.87 10.78 -10.45
C ASN A 58 -26.83 11.09 -9.37
N TYR A 59 -25.57 11.29 -9.76
CA TYR A 59 -24.44 11.53 -8.83
C TYR A 59 -23.67 12.75 -9.26
N PRO A 60 -22.90 13.37 -8.35
CA PRO A 60 -22.02 14.48 -8.69
C PRO A 60 -21.10 14.21 -9.87
N GLN A 61 -20.58 15.25 -10.51
CA GLN A 61 -19.79 15.18 -11.76
C GLN A 61 -18.65 16.20 -11.70
N GLY A 62 -17.53 15.90 -12.38
CA GLY A 62 -16.41 16.85 -12.57
C GLY A 62 -15.33 16.72 -11.51
N ARG A 63 -14.35 17.63 -11.58
CA ARG A 63 -13.19 17.70 -10.66
C ARG A 63 -13.52 18.51 -9.40
N HIS A 64 -13.28 17.92 -8.22
CA HIS A 64 -13.19 18.64 -6.93
C HIS A 64 -12.32 19.89 -7.13
N ASN A 65 -12.69 21.01 -6.50
CA ASN A 65 -12.02 22.32 -6.64
C ASN A 65 -11.42 22.70 -5.29
N PRO A 66 -10.18 22.28 -4.97
CA PRO A 66 -9.57 22.51 -3.67
C PRO A 66 -9.14 23.97 -3.55
N PRO A 67 -8.69 24.46 -2.36
CA PRO A 67 -8.36 23.62 -1.20
C PRO A 67 -9.50 23.16 -0.28
N ASP A 68 -10.68 23.73 -0.42
CA ASP A 68 -11.80 23.51 0.53
C ASP A 68 -12.50 22.24 0.11
N ASP A 69 -12.69 22.07 -1.20
CA ASP A 69 -13.29 20.89 -1.84
C ASP A 69 -12.21 19.99 -2.45
N ILE A 70 -11.96 18.83 -1.84
CA ILE A 70 -10.92 17.86 -2.28
C ILE A 70 -11.59 16.52 -2.59
N GLY A 71 -10.89 15.65 -3.31
CA GLY A 71 -11.35 14.28 -3.61
C GLY A 71 -11.02 13.34 -2.47
N SER A 72 -11.76 13.46 -1.37
CA SER A 72 -11.52 12.77 -0.07
C SER A 72 -12.76 12.98 0.81
N SER A 73 -13.12 11.99 1.63
CA SER A 73 -14.23 12.07 2.61
C SER A 73 -13.70 12.55 3.95
N PHE A 74 -12.38 12.76 4.07
CA PHE A 74 -11.65 13.28 5.26
C PHE A 74 -10.78 14.46 4.81
N TYR A 75 -10.07 15.12 5.74
CA TYR A 75 -9.20 16.26 5.39
C TYR A 75 -7.88 16.18 6.15
N PRO A 76 -6.72 16.36 5.48
CA PRO A 76 -5.42 16.22 6.15
C PRO A 76 -5.06 17.42 7.03
N GLU A 77 -4.38 17.17 8.16
CA GLU A 77 -3.64 18.19 8.94
C GLU A 77 -2.84 19.09 7.98
N LEU A 78 -2.04 18.52 7.08
CA LEU A 78 -1.20 19.30 6.11
C LEU A 78 -2.06 19.92 5.00
N GLY A 79 -3.36 19.64 4.99
CA GLY A 79 -4.30 20.08 3.95
C GLY A 79 -3.96 19.51 2.56
N SER A 80 -4.26 20.28 1.52
CA SER A 80 -3.98 20.02 0.09
C SER A 80 -2.48 20.13 -0.20
N TYR A 81 -1.71 19.18 0.33
CA TYR A 81 -0.22 19.22 0.36
C TYR A 81 0.35 18.76 -0.96
N SER A 82 1.62 19.11 -1.21
CA SER A 82 2.46 18.59 -2.33
C SER A 82 3.37 17.48 -1.81
N SER A 83 3.40 16.33 -2.49
CA SER A 83 4.28 15.18 -2.18
C SER A 83 5.74 15.58 -2.42
N ARG A 84 5.97 16.59 -3.28
CA ARG A 84 7.29 17.19 -3.66
C ARG A 84 7.76 18.17 -2.57
N ASP A 85 7.00 18.29 -1.47
CA ASP A 85 7.30 19.23 -0.36
C ASP A 85 8.11 18.48 0.70
N PRO A 86 9.38 18.85 0.92
CA PRO A 86 10.22 18.09 1.84
C PRO A 86 9.56 17.96 3.22
N SER A 87 8.99 19.07 3.71
CA SER A 87 8.38 19.22 5.06
C SER A 87 7.25 18.21 5.25
N VAL A 88 6.51 17.91 4.16
CA VAL A 88 5.45 16.87 4.11
C VAL A 88 6.13 15.50 4.27
N ILE A 89 7.04 15.16 3.34
CA ILE A 89 7.81 13.89 3.41
C ILE A 89 8.31 13.72 4.85
N GLU A 90 8.98 14.74 5.37
CA GLU A 90 9.57 14.75 6.73
C GLU A 90 8.49 14.37 7.75
N THR A 91 7.42 15.15 7.78
CA THR A 91 6.25 14.95 8.68
C THR A 91 5.74 13.52 8.59
N HIS A 92 5.54 13.06 7.36
CA HIS A 92 5.03 11.71 7.02
C HIS A 92 5.95 10.66 7.67
N MET A 93 7.25 10.69 7.34
CA MET A 93 8.28 9.83 7.98
C MET A 93 8.09 9.85 9.50
N ARG A 94 8.18 11.03 10.09
CA ARG A 94 7.97 11.26 11.53
C ARG A 94 6.73 10.49 12.03
N GLN A 95 5.59 10.62 11.34
CA GLN A 95 4.30 9.97 11.72
C GLN A 95 4.39 8.46 11.61
N MET A 96 5.08 7.95 10.59
CA MET A 96 5.26 6.49 10.38
C MET A 96 6.12 5.97 11.54
N ARG A 97 7.21 6.67 11.84
CA ARG A 97 8.10 6.41 13.00
C ARG A 97 7.28 6.36 14.29
N SER A 98 6.44 7.35 14.56
CA SER A 98 5.55 7.36 15.75
C SER A 98 4.76 6.05 15.79
N ALA A 99 4.25 5.63 14.64
CA ALA A 99 3.41 4.42 14.47
C ALA A 99 4.27 3.15 14.56
N SER A 100 5.59 3.30 14.70
CA SER A 100 6.64 2.23 14.62
C SER A 100 6.34 1.31 13.43
N ILE A 101 6.32 1.91 12.25
CA ILE A 101 6.43 1.24 10.91
C ILE A 101 7.86 1.47 10.44
N GLY A 102 8.51 0.43 9.92
CA GLY A 102 9.92 0.49 9.47
C GLY A 102 10.02 0.66 7.97
N VAL A 103 8.96 0.26 7.25
CA VAL A 103 8.93 0.10 5.77
C VAL A 103 7.67 0.77 5.22
N LEU A 104 7.86 1.78 4.37
CA LEU A 104 6.80 2.33 3.49
C LEU A 104 6.91 1.66 2.13
N ALA A 105 5.78 1.15 1.61
CA ALA A 105 5.65 0.49 0.29
C ALA A 105 5.16 1.53 -0.72
N LEU A 106 6.10 2.21 -1.38
CA LEU A 106 5.86 3.40 -2.22
C LEU A 106 5.17 2.97 -3.53
N SER A 107 3.94 3.45 -3.76
CA SER A 107 3.23 3.33 -5.07
C SER A 107 4.19 3.82 -6.16
N TRP A 108 4.43 2.99 -7.18
CA TRP A 108 5.45 3.26 -8.22
C TRP A 108 4.89 3.01 -9.63
N TYR A 109 5.10 3.98 -10.52
CA TYR A 109 4.94 3.89 -12.00
C TYR A 109 6.31 4.15 -12.62
N PRO A 110 6.62 3.58 -13.80
CA PRO A 110 7.87 3.88 -14.49
C PRO A 110 7.99 5.36 -14.81
N PRO A 111 9.21 5.87 -15.01
CA PRO A 111 9.42 7.30 -15.29
C PRO A 111 8.80 7.73 -16.63
N ASP A 112 8.46 9.02 -16.74
CA ASP A 112 7.64 9.63 -17.82
C ASP A 112 6.24 8.98 -17.85
N VAL A 113 5.89 8.18 -16.83
CA VAL A 113 4.57 7.50 -16.74
C VAL A 113 3.95 7.78 -15.37
N ASN A 114 2.63 7.78 -15.32
CA ASN A 114 1.82 8.25 -14.16
C ASN A 114 0.51 7.45 -14.14
N ASP A 115 -0.17 7.48 -12.99
CA ASP A 115 -1.57 7.04 -12.88
C ASP A 115 -2.40 8.01 -13.73
N GLU A 116 -3.56 7.55 -14.19
CA GLU A 116 -4.48 8.27 -15.12
C GLU A 116 -4.89 9.64 -14.53
N ASN A 117 -4.91 9.78 -13.19
CA ASN A 117 -5.38 11.01 -12.49
C ASN A 117 -4.22 11.80 -11.92
N GLY A 118 -2.97 11.47 -12.27
CA GLY A 118 -1.76 12.16 -11.75
C GLY A 118 -0.76 12.44 -12.84
N GLU A 119 0.39 13.02 -12.47
CA GLU A 119 1.58 13.19 -13.34
C GLU A 119 2.69 12.27 -12.81
N PRO A 120 3.83 12.10 -13.51
CA PRO A 120 4.87 11.15 -13.09
C PRO A 120 5.50 11.48 -11.73
N THR A 121 6.01 10.44 -11.04
CA THR A 121 6.39 10.40 -9.59
C THR A 121 7.62 9.53 -9.32
N ASP A 122 8.30 9.00 -10.34
CA ASP A 122 9.59 8.29 -10.15
C ASP A 122 10.70 9.31 -9.91
N ASN A 123 10.59 10.50 -10.52
CA ASN A 123 11.58 11.62 -10.40
C ASN A 123 11.71 12.07 -8.95
N LEU A 124 10.71 11.75 -8.11
CA LEU A 124 10.63 12.17 -6.68
C LEU A 124 11.44 11.22 -5.79
N VAL A 125 11.54 9.93 -6.15
CA VAL A 125 12.00 8.78 -5.30
C VAL A 125 13.36 9.08 -4.63
N PRO A 126 14.38 9.62 -5.34
CA PRO A 126 15.65 10.03 -4.71
C PRO A 126 15.50 10.83 -3.40
N THR A 127 14.53 11.75 -3.36
CA THR A 127 14.30 12.66 -2.20
C THR A 127 13.61 11.88 -1.10
N ILE A 128 12.66 11.01 -1.47
CA ILE A 128 11.88 10.19 -0.51
C ILE A 128 12.85 9.25 0.24
N LEU A 129 13.84 8.70 -0.48
CA LEU A 129 14.85 7.77 0.10
C LEU A 129 15.72 8.53 1.08
N ASP A 130 16.32 9.64 0.63
CA ASP A 130 17.16 10.52 1.49
C ASP A 130 16.40 10.76 2.80
N LYS A 131 15.09 11.05 2.73
CA LYS A 131 14.25 11.44 3.91
C LYS A 131 13.86 10.22 4.75
N ALA A 132 13.59 9.08 4.11
CA ALA A 132 13.36 7.77 4.77
C ALA A 132 14.62 7.42 5.56
N HIS A 133 15.78 7.59 4.92
CA HIS A 133 17.10 7.38 5.57
C HIS A 133 17.20 8.24 6.83
N LYS A 134 16.84 9.52 6.72
CA LYS A 134 17.01 10.52 7.80
C LYS A 134 16.22 10.14 9.05
N TYR A 135 15.08 9.45 8.92
CA TYR A 135 14.30 8.94 10.08
C TYR A 135 14.49 7.42 10.17
N ASN A 136 15.60 6.94 9.60
CA ASN A 136 15.99 5.50 9.68
C ASN A 136 14.76 4.65 9.31
N LEU A 137 14.15 4.96 8.17
CA LEU A 137 13.03 4.18 7.59
C LEU A 137 13.50 3.59 6.27
N LYS A 138 12.76 2.60 5.79
CA LYS A 138 13.09 1.82 4.57
C LYS A 138 11.98 1.98 3.53
N VAL A 139 12.34 1.87 2.26
CA VAL A 139 11.46 2.16 1.10
C VAL A 139 11.46 0.94 0.19
N THR A 140 10.38 0.14 0.22
CA THR A 140 10.07 -0.91 -0.79
C THR A 140 9.11 -0.32 -1.84
N PHE A 141 8.80 -1.07 -2.89
CA PHE A 141 8.16 -0.53 -4.11
C PHE A 141 6.88 -1.31 -4.41
N HIS A 142 5.79 -0.56 -4.60
CA HIS A 142 4.42 -1.05 -4.87
C HIS A 142 4.10 -0.77 -6.35
N ILE A 143 4.29 -1.80 -7.19
CA ILE A 143 4.28 -1.72 -8.67
C ILE A 143 2.83 -1.64 -9.17
N GLU A 144 2.47 -0.49 -9.72
CA GLU A 144 1.10 -0.17 -10.18
C GLU A 144 0.94 -0.74 -11.57
N PRO A 145 -0.32 -0.95 -12.03
CA PRO A 145 -0.57 -1.50 -13.35
C PRO A 145 -0.43 -0.39 -14.40
N TYR A 146 0.80 0.01 -14.73
CA TYR A 146 1.10 0.93 -15.86
C TYR A 146 0.68 0.23 -17.15
N SER A 147 0.40 1.01 -18.21
CA SER A 147 -0.12 0.48 -19.49
C SER A 147 0.96 -0.40 -20.12
N ASN A 148 0.54 -1.59 -20.56
CA ASN A 148 1.37 -2.61 -21.26
C ASN A 148 2.32 -3.31 -20.30
N ARG A 149 2.10 -3.21 -18.98
CA ARG A 149 2.89 -3.99 -17.97
C ARG A 149 2.81 -5.49 -18.31
N ASP A 150 3.95 -6.13 -18.45
CA ASP A 150 4.10 -7.58 -18.77
C ASP A 150 5.40 -8.07 -18.14
N ASP A 151 5.78 -9.32 -18.41
CA ASP A 151 7.02 -9.92 -17.86
C ASP A 151 8.25 -9.21 -18.44
N GLN A 152 8.16 -8.64 -19.66
CA GLN A 152 9.31 -8.02 -20.37
C GLN A 152 9.68 -6.66 -19.76
N ASN A 153 8.76 -5.70 -19.74
CA ASN A 153 9.05 -4.35 -19.20
C ASN A 153 9.28 -4.45 -17.69
N MET A 154 8.59 -5.36 -17.00
CA MET A 154 8.84 -5.66 -15.56
C MET A 154 10.33 -5.93 -15.36
N TYR A 155 10.93 -6.83 -16.14
CA TYR A 155 12.39 -7.11 -16.16
C TYR A 155 13.16 -5.78 -16.26
N LYS A 156 12.81 -4.94 -17.24
CA LYS A 156 13.51 -3.66 -17.55
C LYS A 156 13.40 -2.69 -16.37
N ASN A 157 12.31 -2.78 -15.60
CA ASN A 157 11.97 -1.85 -14.48
C ASN A 157 12.64 -2.27 -13.17
N VAL A 158 12.55 -3.55 -12.81
CA VAL A 158 13.33 -4.17 -11.69
C VAL A 158 14.81 -3.79 -11.84
N LYS A 159 15.37 -4.03 -13.02
CA LYS A 159 16.78 -3.71 -13.39
C LYS A 159 17.02 -2.23 -13.10
N TYR A 160 16.21 -1.35 -13.69
CA TYR A 160 16.26 0.14 -13.49
C TYR A 160 16.19 0.49 -12.01
N ILE A 161 15.23 -0.10 -11.27
CA ILE A 161 14.96 0.20 -9.82
C ILE A 161 16.20 -0.15 -8.99
N ILE A 162 16.78 -1.34 -9.18
CA ILE A 162 17.91 -1.82 -8.31
C ILE A 162 19.18 -1.08 -8.73
N ASP A 163 19.43 -1.00 -10.03
CA ASP A 163 20.56 -0.21 -10.60
C ASP A 163 20.45 1.24 -10.11
N LYS A 164 19.23 1.77 -9.97
CA LYS A 164 18.98 3.19 -9.61
C LYS A 164 18.98 3.43 -8.09
N TYR A 165 18.37 2.55 -7.28
CA TYR A 165 18.06 2.83 -5.85
C TYR A 165 18.66 1.79 -4.89
N GLY A 166 19.29 0.71 -5.39
CA GLY A 166 19.81 -0.39 -4.55
C GLY A 166 20.86 0.05 -3.55
N ASN A 167 21.77 0.94 -3.94
CA ASN A 167 22.96 1.38 -3.15
C ASN A 167 22.54 2.38 -2.07
N HIS A 168 21.37 2.98 -2.20
CA HIS A 168 20.81 3.94 -1.22
C HIS A 168 20.55 3.20 0.10
N PRO A 169 21.05 3.73 1.24
CA PRO A 169 20.86 3.06 2.53
C PRO A 169 19.43 3.15 3.11
N ALA A 170 18.47 3.70 2.37
CA ALA A 170 17.01 3.59 2.62
C ALA A 170 16.44 2.33 1.93
N PHE A 171 17.01 1.90 0.81
CA PHE A 171 16.48 0.78 -0.02
C PHE A 171 16.15 -0.40 0.90
N TYR A 172 14.92 -0.92 0.82
CA TYR A 172 14.45 -2.06 1.64
C TYR A 172 14.89 -3.36 1.00
N ARG A 173 15.45 -4.25 1.82
CA ARG A 173 15.69 -5.67 1.50
C ARG A 173 15.19 -6.50 2.69
N TYR A 174 14.31 -7.47 2.47
CA TYR A 174 13.98 -8.47 3.51
C TYR A 174 15.28 -9.24 3.79
N LYS A 175 15.88 -8.99 4.96
CA LYS A 175 17.14 -9.66 5.44
C LYS A 175 16.80 -11.04 6.00
N THR A 176 16.59 -12.01 5.10
CA THR A 176 16.57 -13.46 5.40
C THR A 176 17.56 -13.69 6.55
N LYS A 177 17.10 -14.32 7.64
CA LYS A 177 17.94 -14.57 8.84
C LYS A 177 19.30 -15.15 8.38
N THR A 178 19.30 -15.97 7.33
CA THR A 178 20.50 -16.63 6.75
C THR A 178 20.26 -17.05 5.29
N GLY A 179 19.81 -16.11 4.45
CA GLY A 179 19.93 -16.18 2.98
C GLY A 179 20.74 -15.00 2.51
N ASN A 180 20.39 -14.42 1.35
CA ASN A 180 20.79 -13.04 1.00
C ASN A 180 19.70 -12.08 1.48
N ALA A 181 20.06 -10.83 1.76
CA ALA A 181 19.13 -9.69 1.88
C ALA A 181 18.52 -9.42 0.49
N LEU A 182 17.21 -9.67 0.34
CA LEU A 182 16.48 -9.64 -0.95
C LEU A 182 15.54 -8.44 -1.02
N PRO A 183 15.55 -7.66 -2.13
CA PRO A 183 14.47 -6.70 -2.41
C PRO A 183 13.08 -7.32 -2.39
N MET A 184 12.06 -6.53 -2.02
CA MET A 184 10.62 -6.89 -2.16
C MET A 184 9.95 -5.99 -3.21
N PHE A 185 9.17 -6.59 -4.12
CA PHE A 185 8.27 -5.90 -5.07
C PHE A 185 6.83 -6.39 -4.87
N TYR A 186 5.98 -5.52 -4.34
CA TYR A 186 4.50 -5.70 -4.32
C TYR A 186 4.01 -5.38 -5.73
N VAL A 187 3.22 -6.27 -6.32
CA VAL A 187 2.77 -6.14 -7.74
C VAL A 187 1.24 -6.04 -7.72
N TYR A 188 0.73 -4.82 -7.86
CA TYR A 188 -0.72 -4.53 -7.83
C TYR A 188 -1.38 -5.03 -9.12
N ASP A 189 -2.48 -5.80 -8.97
CA ASP A 189 -3.28 -6.40 -10.07
C ASP A 189 -2.39 -7.35 -10.90
N SER A 190 -1.47 -8.04 -10.22
CA SER A 190 -0.61 -9.09 -10.83
C SER A 190 -1.47 -9.93 -11.78
N TYR A 191 -2.61 -10.45 -11.31
CA TYR A 191 -3.47 -11.49 -11.97
C TYR A 191 -3.92 -11.11 -13.39
N ILE A 192 -3.73 -9.83 -13.75
CA ILE A 192 -3.92 -9.25 -15.11
C ILE A 192 -3.03 -9.99 -16.12
N THR A 193 -1.77 -10.23 -15.77
CA THR A 193 -0.79 -10.91 -16.64
C THR A 193 -0.89 -12.41 -16.34
N LYS A 194 -1.06 -13.23 -17.38
CA LYS A 194 -1.38 -14.68 -17.24
C LYS A 194 -0.17 -15.36 -16.59
N PRO A 195 -0.37 -16.45 -15.84
CA PRO A 195 0.72 -17.16 -15.18
C PRO A 195 1.88 -17.61 -16.09
N GLU A 196 1.55 -18.19 -17.24
CA GLU A 196 2.51 -18.52 -18.34
C GLU A 196 3.50 -17.35 -18.50
N LYS A 197 3.02 -16.10 -18.52
CA LYS A 197 3.85 -14.88 -18.75
C LYS A 197 4.71 -14.57 -17.54
N TRP A 198 4.14 -14.60 -16.34
CA TRP A 198 4.91 -14.39 -15.10
C TRP A 198 6.06 -15.40 -15.01
N ALA A 199 5.80 -16.68 -15.33
CA ALA A 199 6.74 -17.81 -15.15
C ALA A 199 7.97 -17.66 -16.05
N ASN A 200 7.90 -16.83 -17.09
CA ASN A 200 9.08 -16.46 -17.91
C ASN A 200 10.09 -15.73 -17.04
N LEU A 201 9.60 -14.92 -16.11
CA LEU A 201 10.40 -13.96 -15.33
C LEU A 201 10.65 -14.51 -13.92
N LEU A 202 9.73 -15.30 -13.36
CA LEU A 202 9.70 -15.58 -11.90
C LEU A 202 10.15 -17.01 -11.56
N THR A 203 10.22 -17.92 -12.54
CA THR A 203 10.74 -19.31 -12.35
C THR A 203 12.20 -19.38 -12.78
N THR A 204 12.92 -20.35 -12.22
CA THR A 204 14.39 -20.52 -12.32
C THR A 204 14.84 -20.58 -13.79
N SER A 205 14.07 -21.26 -14.62
CA SER A 205 14.40 -21.67 -16.01
C SER A 205 13.55 -20.88 -17.01
N GLY A 206 12.93 -19.78 -16.58
CA GLY A 206 12.11 -18.92 -17.45
C GLY A 206 13.01 -18.18 -18.42
N SER A 207 12.58 -18.03 -19.68
CA SER A 207 13.33 -17.39 -20.78
C SER A 207 13.95 -16.04 -20.35
N ARG A 208 13.35 -15.32 -19.40
CA ARG A 208 13.91 -14.04 -18.89
C ARG A 208 13.99 -14.05 -17.36
N SER A 209 14.27 -15.21 -16.76
CA SER A 209 14.36 -15.42 -15.28
C SER A 209 15.43 -14.50 -14.67
N ILE A 210 15.04 -13.73 -13.63
CA ILE A 210 15.97 -12.93 -12.77
C ILE A 210 16.34 -13.75 -11.54
N ARG A 211 15.79 -14.98 -11.44
CA ARG A 211 16.08 -15.89 -10.32
C ARG A 211 17.57 -16.23 -10.37
N ASN A 212 18.25 -16.14 -9.22
CA ASN A 212 19.69 -16.46 -9.05
C ASN A 212 20.54 -15.41 -9.78
N SER A 213 19.96 -14.27 -10.15
CA SER A 213 20.64 -13.18 -10.90
C SER A 213 20.91 -12.01 -9.96
N PRO A 214 21.69 -10.99 -10.39
CA PRO A 214 21.91 -9.81 -9.56
C PRO A 214 20.63 -9.01 -9.31
N TYR A 215 19.57 -9.24 -10.08
CA TYR A 215 18.27 -8.51 -10.00
C TYR A 215 17.17 -9.43 -9.46
N ASP A 216 17.53 -10.45 -8.70
CA ASP A 216 16.53 -11.32 -8.02
C ASP A 216 15.89 -10.54 -6.89
N GLY A 217 14.65 -10.87 -6.54
CA GLY A 217 13.94 -10.27 -5.39
C GLY A 217 12.83 -11.16 -4.85
N LEU A 218 12.00 -10.60 -3.96
CA LEU A 218 10.78 -11.23 -3.40
C LEU A 218 9.59 -10.53 -4.05
N PHE A 219 8.91 -11.25 -4.93
CA PHE A 219 7.79 -10.72 -5.75
C PHE A 219 6.47 -11.10 -5.06
N ILE A 220 5.63 -10.09 -4.82
CA ILE A 220 4.37 -10.25 -4.04
C ILE A 220 3.17 -9.92 -4.94
N ALA A 221 2.28 -10.91 -5.08
CA ALA A 221 1.14 -10.91 -6.02
C ALA A 221 -0.12 -10.57 -5.24
N LEU A 222 -0.96 -9.69 -5.80
CA LEU A 222 -2.32 -9.42 -5.29
C LEU A 222 -3.20 -10.65 -5.57
N LEU A 223 -3.72 -11.29 -4.51
CA LEU A 223 -4.76 -12.34 -4.62
C LEU A 223 -6.11 -11.69 -4.40
N VAL A 224 -7.11 -12.03 -5.23
CA VAL A 224 -8.50 -11.46 -5.15
C VAL A 224 -9.46 -12.61 -4.83
N GLU A 225 -9.69 -13.52 -5.77
CA GLU A 225 -10.56 -14.72 -5.66
C GLU A 225 -9.76 -15.87 -5.06
N GLU A 226 -10.44 -16.81 -4.38
CA GLU A 226 -9.81 -18.03 -3.79
C GLU A 226 -8.87 -18.65 -4.84
N LYS A 227 -9.32 -18.69 -6.10
CA LYS A 227 -8.70 -19.46 -7.21
C LYS A 227 -7.39 -18.82 -7.65
N HIS A 228 -7.06 -17.60 -7.23
CA HIS A 228 -5.83 -16.89 -7.64
C HIS A 228 -4.61 -17.56 -6.98
N LYS A 229 -4.84 -18.26 -5.88
CA LYS A 229 -3.85 -19.13 -5.21
C LYS A 229 -2.96 -19.82 -6.25
N TYR A 230 -3.60 -20.58 -7.13
CA TYR A 230 -2.97 -21.55 -8.05
C TYR A 230 -2.29 -20.79 -9.18
N ASP A 231 -2.95 -19.75 -9.68
CA ASP A 231 -2.37 -18.84 -10.71
C ASP A 231 -1.04 -18.30 -10.16
N ILE A 232 -1.03 -17.93 -8.87
CA ILE A 232 0.15 -17.31 -8.19
C ILE A 232 1.32 -18.33 -8.11
N LEU A 233 1.03 -19.61 -7.81
CA LEU A 233 2.04 -20.71 -7.76
C LEU A 233 2.68 -20.88 -9.12
N GLN A 234 1.84 -20.98 -10.16
CA GLN A 234 2.24 -21.21 -11.57
C GLN A 234 3.11 -20.04 -12.06
N SER A 235 2.90 -18.84 -11.52
CA SER A 235 3.53 -17.57 -11.97
C SER A 235 4.98 -17.52 -11.49
N GLY A 236 5.24 -17.99 -10.27
CA GLY A 236 6.59 -18.09 -9.67
C GLY A 236 6.80 -17.12 -8.53
N PHE A 237 5.75 -16.40 -8.12
CA PHE A 237 5.80 -15.34 -7.07
C PHE A 237 6.26 -15.93 -5.73
N ASP A 238 6.90 -15.10 -4.90
CA ASP A 238 7.46 -15.48 -3.58
C ASP A 238 6.40 -15.32 -2.47
N GLY A 239 5.46 -14.39 -2.63
CA GLY A 239 4.45 -14.08 -1.59
C GLY A 239 3.17 -13.48 -2.15
N ILE A 240 2.14 -13.37 -1.31
CA ILE A 240 0.82 -12.78 -1.65
C ILE A 240 0.45 -11.68 -0.64
N TYR A 241 -0.23 -10.63 -1.10
CA TYR A 241 -0.82 -9.56 -0.25
C TYR A 241 -2.24 -9.32 -0.73
N THR A 242 -3.11 -8.84 0.16
CA THR A 242 -4.58 -8.69 -0.09
C THR A 242 -4.92 -7.25 -0.48
N TYR A 243 -4.13 -6.30 0.00
CA TYR A 243 -4.31 -4.83 -0.16
C TYR A 243 -5.63 -4.36 0.48
N PHE A 244 -6.77 -4.80 -0.04
CA PHE A 244 -8.11 -4.16 0.14
C PHE A 244 -8.51 -4.03 1.63
N ALA A 245 -9.00 -2.84 2.01
CA ALA A 245 -9.36 -2.44 3.39
C ALA A 245 -10.77 -2.91 3.76
N THR A 246 -11.57 -3.36 2.81
CA THR A 246 -13.02 -3.63 3.02
C THR A 246 -13.23 -5.14 3.23
N ASN A 247 -13.33 -5.57 4.50
CA ASN A 247 -13.75 -6.94 4.84
C ASN A 247 -15.08 -7.23 4.13
N GLY A 248 -15.11 -8.26 3.30
CA GLY A 248 -16.30 -8.64 2.50
C GLY A 248 -16.12 -8.38 1.02
N PHE A 249 -15.25 -7.43 0.65
CA PHE A 249 -15.09 -6.96 -0.76
C PHE A 249 -14.55 -8.12 -1.62
N THR A 250 -13.36 -8.66 -1.35
CA THR A 250 -12.74 -9.82 -2.07
C THR A 250 -12.56 -11.04 -1.15
N TYR A 251 -12.15 -12.19 -1.71
CA TYR A 251 -11.82 -13.42 -0.91
C TYR A 251 -10.64 -13.08 0.03
N GLY A 252 -9.61 -12.44 -0.53
CA GLY A 252 -8.40 -11.97 0.17
C GLY A 252 -8.72 -11.03 1.31
N SER A 253 -9.41 -9.91 1.05
CA SER A 253 -9.64 -8.80 2.01
C SER A 253 -10.55 -9.22 3.17
N SER A 254 -11.27 -10.35 3.05
CA SER A 254 -12.09 -10.99 4.10
C SER A 254 -11.17 -11.75 5.06
N HIS A 255 -11.08 -11.30 6.32
CA HIS A 255 -10.06 -11.77 7.28
C HIS A 255 -10.43 -13.16 7.83
N GLN A 256 -11.66 -13.63 7.61
CA GLN A 256 -12.11 -15.00 8.00
C GLN A 256 -11.39 -16.02 7.13
N ASN A 257 -11.08 -15.62 5.89
CA ASN A 257 -10.31 -16.43 4.91
C ASN A 257 -8.84 -16.44 5.30
N TRP A 258 -8.32 -15.36 5.92
CA TRP A 258 -6.86 -15.10 6.13
C TRP A 258 -6.12 -16.34 6.68
N ALA A 259 -6.75 -17.11 7.56
CA ALA A 259 -6.19 -18.32 8.21
C ALA A 259 -5.81 -19.34 7.13
N SER A 260 -6.72 -19.60 6.18
CA SER A 260 -6.52 -20.51 5.03
C SER A 260 -5.39 -20.03 4.14
N LEU A 261 -5.29 -18.72 3.91
CA LEU A 261 -4.22 -18.13 3.07
C LEU A 261 -2.86 -18.28 3.75
N LYS A 262 -2.79 -18.01 5.06
CA LYS A 262 -1.58 -18.34 5.85
C LYS A 262 -1.23 -19.82 5.64
N LEU A 263 -2.19 -20.74 5.85
CA LEU A 263 -1.98 -22.22 5.81
C LEU A 263 -1.48 -22.65 4.42
N PHE A 264 -2.17 -22.21 3.35
CA PHE A 264 -1.73 -22.40 1.95
C PHE A 264 -0.29 -21.90 1.80
N CYS A 265 -0.04 -20.62 2.12
CA CYS A 265 1.26 -19.94 1.97
C CYS A 265 2.37 -20.73 2.68
N ASP A 266 2.02 -21.41 3.79
CA ASP A 266 2.96 -22.25 4.59
C ASP A 266 3.33 -23.52 3.81
N LYS A 267 2.34 -24.21 3.24
CA LYS A 267 2.51 -25.46 2.42
C LYS A 267 3.44 -25.19 1.23
N TYR A 268 3.30 -24.07 0.52
CA TYR A 268 4.02 -23.81 -0.75
C TYR A 268 5.11 -22.76 -0.55
N ASN A 269 5.54 -22.57 0.70
CA ASN A 269 6.70 -21.72 1.05
C ASN A 269 6.51 -20.34 0.41
N LEU A 270 5.31 -19.79 0.58
CA LEU A 270 4.93 -18.43 0.14
C LEU A 270 4.85 -17.52 1.37
N ILE A 271 5.33 -16.31 1.24
CA ILE A 271 5.16 -15.21 2.24
C ILE A 271 3.70 -14.75 2.16
N PHE A 272 2.89 -15.06 3.17
CA PHE A 272 1.52 -14.51 3.40
C PHE A 272 1.62 -13.15 4.08
N ILE A 273 1.32 -12.07 3.34
CA ILE A 273 1.33 -10.67 3.86
C ILE A 273 -0.09 -10.14 3.83
N PRO A 274 -0.90 -10.31 4.92
CA PRO A 274 -2.22 -9.69 4.98
C PRO A 274 -2.12 -8.16 5.01
N SER A 275 -3.08 -7.49 4.40
CA SER A 275 -3.19 -6.00 4.41
C SER A 275 -4.34 -5.62 5.32
N VAL A 276 -4.06 -4.82 6.36
CA VAL A 276 -5.06 -4.36 7.35
C VAL A 276 -5.37 -2.89 7.07
N GLY A 277 -6.65 -2.50 7.07
CA GLY A 277 -7.09 -1.09 6.88
C GLY A 277 -7.97 -0.57 8.02
N PRO A 278 -7.97 0.76 8.28
CA PRO A 278 -8.73 1.36 9.39
C PRO A 278 -10.21 1.70 9.11
N GLY A 279 -10.69 1.35 7.91
CA GLY A 279 -12.05 1.64 7.40
C GLY A 279 -11.96 1.94 5.92
N TYR A 280 -13.08 2.30 5.27
CA TYR A 280 -13.12 2.55 3.80
C TYR A 280 -14.25 3.52 3.48
N ILE A 281 -13.98 4.51 2.64
CA ILE A 281 -15.02 5.37 2.01
C ILE A 281 -14.39 6.12 0.84
N ASP A 282 -14.95 5.94 -0.36
CA ASP A 282 -14.35 6.46 -1.61
C ASP A 282 -15.42 7.22 -2.40
N THR A 283 -16.50 7.66 -1.73
CA THR A 283 -17.71 8.19 -2.41
C THR A 283 -17.49 9.66 -2.79
N SER A 284 -16.36 10.29 -2.44
CA SER A 284 -15.92 11.59 -2.99
C SER A 284 -15.56 11.44 -4.47
N ILE A 285 -15.10 10.27 -4.91
CA ILE A 285 -14.66 10.01 -6.33
C ILE A 285 -15.33 8.76 -6.94
N ARG A 286 -16.01 7.91 -6.16
CA ARG A 286 -16.83 6.76 -6.67
C ARG A 286 -18.17 6.72 -5.93
N PRO A 287 -19.08 7.67 -6.24
CA PRO A 287 -20.28 7.88 -5.44
C PRO A 287 -21.21 6.65 -5.41
N TRP A 288 -21.10 5.80 -6.41
CA TRP A 288 -21.86 4.52 -6.49
C TRP A 288 -21.28 3.46 -5.54
N ASN A 289 -20.15 3.73 -4.89
CA ASN A 289 -19.36 2.64 -4.26
C ASN A 289 -19.63 2.56 -2.75
N THR A 290 -20.90 2.72 -2.37
CA THR A 290 -21.37 2.76 -0.96
C THR A 290 -21.21 1.38 -0.33
N GLN A 291 -21.47 0.30 -1.06
CA GLN A 291 -21.55 -1.06 -0.48
C GLN A 291 -20.24 -1.38 0.26
N ASN A 292 -19.12 -0.81 -0.20
CA ASN A 292 -17.77 -1.13 0.36
C ASN A 292 -17.34 -0.13 1.43
N THR A 293 -18.09 0.95 1.63
CA THR A 293 -17.90 1.85 2.79
C THR A 293 -17.91 0.99 4.07
N ARG A 294 -16.88 1.16 4.90
CA ARG A 294 -16.84 0.59 6.26
C ARG A 294 -16.56 1.79 7.18
N ASN A 295 -17.37 1.95 8.24
CA ASN A 295 -17.20 3.01 9.28
C ASN A 295 -16.08 2.56 10.21
N ARG A 296 -15.26 3.51 10.67
CA ARG A 296 -14.03 3.23 11.44
C ARG A 296 -14.39 2.75 12.84
N ILE A 297 -15.58 3.10 13.36
CA ILE A 297 -16.05 2.76 14.75
C ILE A 297 -15.00 3.24 15.75
N ASN A 298 -14.33 4.35 15.40
CA ASN A 298 -13.34 5.09 16.24
C ASN A 298 -12.12 4.21 16.56
N GLY A 299 -11.77 3.28 15.67
CA GLY A 299 -10.61 2.39 15.83
C GLY A 299 -11.01 0.92 15.86
N LYS A 300 -12.20 0.59 16.32
CA LYS A 300 -12.64 -0.82 16.56
C LYS A 300 -12.43 -1.63 15.28
N TYR A 301 -12.72 -1.06 14.11
CA TYR A 301 -12.54 -1.71 12.78
C TYR A 301 -11.05 -2.08 12.66
N TYR A 302 -10.17 -1.09 12.76
CA TYR A 302 -8.70 -1.22 12.56
C TYR A 302 -8.14 -2.30 13.49
N GLU A 303 -8.50 -2.24 14.77
CA GLU A 303 -8.01 -3.18 15.81
C GLU A 303 -8.46 -4.60 15.45
N ILE A 304 -9.73 -4.80 15.09
CA ILE A 304 -10.25 -6.16 14.72
C ILE A 304 -9.46 -6.68 13.50
N GLY A 305 -9.09 -5.77 12.59
CA GLY A 305 -8.25 -6.05 11.42
C GLY A 305 -6.85 -6.52 11.80
N LEU A 306 -6.18 -5.78 12.68
CA LEU A 306 -4.79 -6.05 13.12
C LEU A 306 -4.79 -7.29 14.03
N SER A 307 -5.84 -7.51 14.80
CA SER A 307 -6.01 -8.69 15.67
C SER A 307 -6.11 -9.94 14.80
N ALA A 308 -6.92 -9.90 13.74
CA ALA A 308 -7.19 -11.02 12.80
C ALA A 308 -5.93 -11.38 12.01
N ALA A 309 -5.12 -10.38 11.67
CA ALA A 309 -3.79 -10.52 11.04
C ALA A 309 -2.82 -11.23 11.99
N LEU A 310 -2.84 -10.88 13.28
CA LEU A 310 -1.89 -11.44 14.27
C LEU A 310 -2.23 -12.90 14.56
N GLN A 311 -3.52 -13.25 14.62
CA GLN A 311 -3.97 -14.65 14.72
C GLN A 311 -3.07 -15.53 13.85
N THR A 312 -2.99 -15.20 12.56
CA THR A 312 -2.34 -15.99 11.48
C THR A 312 -0.85 -16.20 11.76
N ARG A 313 -0.26 -15.36 12.62
CA ARG A 313 1.19 -15.34 12.91
C ARG A 313 1.91 -15.08 11.58
N PRO A 314 1.69 -13.91 10.95
CA PRO A 314 2.14 -13.67 9.59
C PRO A 314 3.62 -13.27 9.58
N SER A 315 4.25 -13.36 8.41
CA SER A 315 5.71 -13.13 8.27
C SER A 315 5.93 -11.62 8.22
N LEU A 316 5.09 -10.91 7.49
CA LEU A 316 4.97 -9.43 7.57
C LEU A 316 3.48 -9.09 7.72
N ILE A 317 3.17 -7.84 8.08
CA ILE A 317 1.80 -7.25 7.97
C ILE A 317 1.89 -5.93 7.19
N SER A 318 0.95 -5.74 6.26
CA SER A 318 0.88 -4.54 5.40
C SER A 318 -0.29 -3.67 5.88
N ILE A 319 -0.17 -2.36 5.71
CA ILE A 319 -1.20 -1.39 6.12
C ILE A 319 -1.64 -0.60 4.88
N THR A 320 -2.94 -0.73 4.58
CA THR A 320 -3.71 0.03 3.57
C THR A 320 -4.60 1.03 4.33
N SER A 321 -4.18 2.29 4.46
CA SER A 321 -2.98 2.85 3.87
C SER A 321 -2.46 3.99 4.77
N PHE A 322 -1.36 4.61 4.38
CA PHE A 322 -0.87 5.85 5.01
C PHE A 322 -1.64 7.05 4.46
N ASN A 323 -1.75 7.16 3.14
CA ASN A 323 -2.32 8.38 2.52
C ASN A 323 -3.01 8.01 1.20
N GLU A 324 -3.77 6.92 1.18
CA GLU A 324 -4.87 6.75 0.19
C GLU A 324 -6.09 7.50 0.77
N TRP A 325 -6.24 8.77 0.38
CA TRP A 325 -7.25 9.71 0.94
C TRP A 325 -8.56 9.54 0.17
N HIS A 326 -8.48 9.24 -1.14
CA HIS A 326 -9.65 9.02 -2.01
C HIS A 326 -10.51 7.89 -1.44
N GLU A 327 -9.89 6.77 -1.03
CA GLU A 327 -10.55 5.51 -0.57
C GLU A 327 -10.80 5.53 0.94
N GLY A 328 -10.29 6.55 1.63
CA GLY A 328 -10.52 6.79 3.08
C GLY A 328 -9.89 5.69 3.92
N THR A 329 -8.74 5.16 3.49
CA THR A 329 -7.99 4.07 4.17
C THR A 329 -6.77 4.62 4.93
N GLN A 330 -6.53 5.94 4.85
CA GLN A 330 -5.34 6.64 5.41
C GLN A 330 -5.34 6.64 6.96
N ILE A 331 -4.18 6.40 7.55
CA ILE A 331 -3.90 6.50 9.01
C ILE A 331 -3.20 7.84 9.29
N GLU A 332 -2.73 8.55 8.24
CA GLU A 332 -2.08 9.88 8.33
C GLU A 332 -2.99 10.85 9.10
N LYS A 333 -2.40 11.85 9.77
CA LYS A 333 -3.12 12.82 10.63
C LYS A 333 -4.13 13.63 9.79
N ALA A 334 -5.41 13.53 10.16
CA ALA A 334 -6.58 14.21 9.57
C ALA A 334 -7.29 15.02 10.66
N VAL A 335 -7.92 16.13 10.28
CA VAL A 335 -8.56 17.10 11.20
C VAL A 335 -10.05 17.21 10.86
N PRO A 336 -10.88 17.79 11.76
CA PRO A 336 -12.25 18.18 11.39
C PRO A 336 -12.25 19.36 10.41
N LYS A 337 -13.23 19.40 9.51
CA LYS A 337 -13.40 20.52 8.55
C LYS A 337 -14.84 20.55 8.05
N ARG A 338 -15.34 21.75 7.80
CA ARG A 338 -16.74 22.03 7.40
C ARG A 338 -16.71 23.11 6.33
N THR A 339 -17.49 22.93 5.27
CA THR A 339 -17.66 23.93 4.19
C THR A 339 -19.14 24.36 4.13
N SER A 340 -19.43 25.34 3.28
CA SER A 340 -20.79 25.77 2.90
C SER A 340 -21.73 24.57 2.63
N ASN A 341 -21.20 23.43 2.18
CA ASN A 341 -22.01 22.28 1.67
C ASN A 341 -21.50 20.92 2.18
N THR A 342 -20.32 20.86 2.82
CA THR A 342 -19.65 19.60 3.22
C THR A 342 -19.31 19.65 4.72
N VAL A 343 -19.63 18.56 5.42
CA VAL A 343 -19.09 18.20 6.76
C VAL A 343 -18.15 17.02 6.55
N TYR A 344 -16.87 17.29 6.29
CA TYR A 344 -15.81 16.25 6.18
C TYR A 344 -15.88 15.35 7.41
N LEU A 345 -15.53 14.08 7.22
CA LEU A 345 -15.30 13.13 8.33
C LEU A 345 -13.95 13.43 8.97
N ASP A 346 -13.74 12.85 10.15
CA ASP A 346 -12.62 13.13 11.09
C ASP A 346 -12.61 12.03 12.16
N TYR A 347 -11.58 12.02 13.01
CA TYR A 347 -11.28 10.94 13.97
C TYR A 347 -11.94 11.19 15.33
N ARG A 348 -12.48 12.41 15.54
CA ARG A 348 -13.31 12.75 16.73
C ARG A 348 -14.30 11.61 16.99
N PRO A 349 -14.61 11.24 18.25
CA PRO A 349 -14.12 11.94 19.45
C PRO A 349 -12.61 12.11 19.68
N HIS A 350 -11.77 11.24 19.11
CA HIS A 350 -10.29 11.17 19.38
C HIS A 350 -9.53 12.18 18.51
N LYS A 351 -8.19 12.09 18.52
CA LYS A 351 -7.26 13.12 18.00
C LYS A 351 -6.89 12.81 16.56
N PRO A 352 -6.29 13.80 15.84
CA PRO A 352 -5.61 13.56 14.56
C PRO A 352 -4.64 12.36 14.52
N GLY A 353 -3.92 12.10 15.61
CA GLY A 353 -2.92 11.01 15.69
C GLY A 353 -3.51 9.65 16.07
N LEU A 354 -4.84 9.51 16.20
CA LEU A 354 -5.46 8.30 16.80
C LEU A 354 -4.91 7.03 16.13
N TYR A 355 -4.93 6.94 14.79
CA TYR A 355 -4.59 5.71 14.02
C TYR A 355 -3.07 5.50 14.06
N LEU A 356 -2.25 6.55 14.25
CA LEU A 356 -0.78 6.39 14.48
C LEU A 356 -0.53 5.67 15.81
N GLU A 357 -1.36 5.92 16.82
CA GLU A 357 -1.19 5.36 18.18
C GLU A 357 -1.71 3.92 18.18
N LEU A 358 -2.86 3.66 17.55
CA LEU A 358 -3.41 2.29 17.41
C LEU A 358 -2.34 1.41 16.72
N THR A 359 -1.59 1.97 15.78
CA THR A 359 -0.53 1.27 15.00
C THR A 359 0.69 1.00 15.91
N ARG A 360 1.26 2.07 16.49
CA ARG A 360 2.37 2.01 17.46
C ARG A 360 2.05 0.91 18.47
N LYS A 361 0.85 0.96 19.04
CA LYS A 361 0.34 -0.08 19.97
C LYS A 361 0.57 -1.47 19.37
N TRP A 362 -0.12 -1.77 18.27
CA TRP A 362 -0.22 -3.14 17.68
C TRP A 362 1.09 -3.53 16.98
N SER A 363 1.88 -2.55 16.53
CA SER A 363 3.23 -2.75 15.95
C SER A 363 4.15 -3.38 17.00
N GLU A 364 4.18 -2.81 18.20
CA GLU A 364 5.06 -3.23 19.32
C GLU A 364 4.61 -4.59 19.84
N LYS A 365 3.30 -4.82 19.89
CA LYS A 365 2.70 -6.14 20.17
C LYS A 365 3.13 -7.15 19.09
N TYR A 366 2.94 -6.84 17.79
CA TYR A 366 3.36 -7.72 16.68
C TYR A 366 4.86 -8.00 16.83
N SER A 367 5.67 -6.93 16.83
CA SER A 367 7.15 -6.96 16.87
C SER A 367 7.61 -7.93 17.95
N LYS A 368 6.98 -7.83 19.13
CA LYS A 368 7.25 -8.72 20.27
C LYS A 368 6.76 -10.14 19.95
N GLU A 369 5.49 -10.31 19.61
CA GLU A 369 4.90 -11.66 19.37
C GLU A 369 5.73 -12.42 18.32
N ARG A 370 6.20 -11.70 17.30
CA ARG A 370 6.98 -12.24 16.16
C ARG A 370 8.25 -12.96 16.66
N ALA A 371 8.79 -12.56 17.81
CA ALA A 371 9.99 -13.17 18.42
C ALA A 371 9.73 -14.65 18.74
N THR A 372 8.61 -14.97 19.39
CA THR A 372 8.27 -16.35 19.85
C THR A 372 8.02 -17.29 18.64
N TYR A 373 7.72 -16.75 17.45
CA TYR A 373 7.38 -17.50 16.22
C TYR A 373 8.55 -18.42 15.80
N ALA A 374 9.74 -17.86 15.56
CA ALA A 374 10.93 -18.54 14.97
C ALA A 374 11.12 -19.92 15.61
N LEU A 375 11.47 -20.92 14.80
CA LEU A 375 11.68 -22.34 15.24
C LEU A 375 12.82 -22.41 16.28
N ASP A 376 13.88 -21.60 16.09
CA ASP A 376 15.08 -21.48 16.98
C ASP A 376 14.72 -20.88 18.36
N ARG A 377 13.66 -20.06 18.42
CA ARG A 377 13.27 -19.31 19.66
C ARG A 377 12.14 -20.02 20.42
N GLN A 378 11.77 -21.25 20.04
CA GLN A 378 10.79 -22.12 20.75
C GLN A 378 11.42 -22.66 22.05
N LEU A 379 10.60 -23.31 22.90
CA LEU A 379 10.98 -23.69 24.29
C LEU A 379 10.40 -25.07 24.64
N PRO A 380 10.91 -25.73 25.71
CA PRO A 380 10.33 -26.99 26.20
C PRO A 380 8.88 -26.82 26.66
#